data_9MNR
#
_entry.id   9MNR
#
_cell.length_a   114.170
_cell.length_b   39.652
_cell.length_c   109.204
_cell.angle_alpha   90.000
_cell.angle_beta   91.988
_cell.angle_gamma   90.000
#
_symmetry.space_group_name_H-M   'C 1 2 1'
#
loop_
_entity.id
_entity.type
_entity.pdbx_description
1 polymer 'Panoptes OptS minimal CRISPR polymerase (mCpol)'
2 water water
#
_entity_poly.entity_id   1
_entity_poly.type   'polypeptide(L)'
_entity_poly.pdbx_seq_one_letter_code
;MGSSHHHHHHGSMYIAIDGDDVGRKITSSYLSNSEERLTYISNKLNDTTKKISKMLLSNGFEIIFQAADGVTAKTDNEVN
LNFVFDKIKSYSFDEITFSAGVGANLREAYVALLNSKSNGKNMISIYKDIL
;
_entity_poly.pdbx_strand_id   A,B,C,D
#
# COMPACT_ATOMS: atom_id res chain seq x y z
N SER A 12 -9.00 30.00 3.86
CA SER A 12 -9.30 28.86 3.00
C SER A 12 -8.77 27.56 3.62
N MET A 13 -9.69 26.67 4.01
CA MET A 13 -9.35 25.47 4.75
C MET A 13 -9.77 24.23 3.96
N TYR A 14 -8.87 23.25 3.91
CA TYR A 14 -9.12 21.98 3.24
C TYR A 14 -9.15 20.87 4.29
N ILE A 15 -10.00 19.87 4.07
CA ILE A 15 -10.07 18.69 4.92
C ILE A 15 -10.08 17.45 4.02
N ALA A 16 -9.20 16.52 4.31
CA ALA A 16 -9.13 15.25 3.60
C ALA A 16 -9.45 14.14 4.60
N ILE A 17 -10.47 13.34 4.29
CA ILE A 17 -11.01 12.33 5.19
C ILE A 17 -10.91 10.98 4.48
N ASP A 18 -10.45 9.96 5.21
CA ASP A 18 -10.28 8.65 4.61
C ASP A 18 -10.49 7.57 5.68
N GLY A 19 -10.93 6.40 5.24
CA GLY A 19 -11.14 5.31 6.17
C GLY A 19 -9.82 4.73 6.66
N ASP A 20 -9.86 4.15 7.86
CA ASP A 20 -8.66 3.58 8.49
C ASP A 20 -8.55 2.10 8.13
N ASP A 21 -7.62 1.78 7.23
CA ASP A 21 -7.29 0.39 6.92
C ASP A 21 -8.53 -0.39 6.47
N VAL A 22 -9.42 0.29 5.73
CA VAL A 22 -10.59 -0.40 5.18
C VAL A 22 -10.15 -1.54 4.29
N GLY A 23 -9.03 -1.37 3.58
CA GLY A 23 -8.52 -2.41 2.72
C GLY A 23 -8.27 -3.73 3.45
N ARG A 24 -7.86 -3.65 4.72
CA ARG A 24 -7.65 -4.90 5.47
C ARG A 24 -8.94 -5.66 5.68
N LYS A 25 -10.03 -4.94 5.97
CA LYS A 25 -11.31 -5.60 6.17
C LYS A 25 -11.82 -6.20 4.87
N ILE A 26 -11.57 -5.52 3.74
CA ILE A 26 -12.02 -6.02 2.45
C ILE A 26 -11.24 -7.28 2.07
N THR A 27 -9.91 -7.22 2.17
CA THR A 27 -9.07 -8.38 1.89
C THR A 27 -9.47 -9.57 2.74
N SER A 28 -9.71 -9.34 4.03
CA SER A 28 -10.12 -10.43 4.91
C SER A 28 -11.37 -11.11 4.38
N SER A 29 -12.33 -10.32 3.91
CA SER A 29 -13.58 -10.88 3.40
C SER A 29 -13.35 -11.70 2.13
N TYR A 30 -12.45 -11.26 1.25
CA TYR A 30 -12.12 -12.04 0.05
C TYR A 30 -11.49 -13.38 0.42
N LEU A 31 -10.54 -13.34 1.34
CA LEU A 31 -9.76 -14.54 1.64
C LEU A 31 -10.58 -15.59 2.39
N SER A 32 -11.61 -15.17 3.11
CA SER A 32 -12.52 -16.09 3.79
C SER A 32 -13.78 -16.39 2.97
N ASN A 33 -13.84 -15.94 1.71
CA ASN A 33 -14.99 -16.22 0.86
C ASN A 33 -16.29 -15.71 1.48
N SER A 34 -16.22 -14.54 2.11
CA SER A 34 -17.37 -13.97 2.84
C SER A 34 -18.06 -12.93 1.96
N GLU A 35 -18.85 -13.43 1.01
CA GLU A 35 -19.61 -12.54 0.12
C GLU A 35 -20.47 -11.57 0.91
N GLU A 36 -21.18 -12.07 1.93
CA GLU A 36 -22.12 -11.21 2.65
C GLU A 36 -21.41 -10.08 3.36
N ARG A 37 -20.24 -10.36 3.95
CA ARG A 37 -19.48 -9.31 4.61
C ARG A 37 -18.95 -8.29 3.61
N LEU A 38 -18.55 -8.75 2.43
CA LEU A 38 -18.06 -7.84 1.40
C LEU A 38 -19.18 -6.93 0.91
N THR A 39 -20.38 -7.48 0.67
CA THR A 39 -21.51 -6.64 0.23
C THR A 39 -21.93 -5.68 1.33
N TYR A 40 -21.87 -6.14 2.58
CA TYR A 40 -22.17 -5.26 3.70
C TYR A 40 -21.20 -4.07 3.74
N ILE A 41 -19.90 -4.34 3.62
CA ILE A 41 -18.91 -3.26 3.62
C ILE A 41 -19.16 -2.30 2.45
N SER A 42 -19.43 -2.84 1.27
CA SER A 42 -19.74 -2.00 0.11
C SER A 42 -20.92 -1.07 0.39
N ASN A 43 -22.02 -1.62 0.90
CA ASN A 43 -23.20 -0.80 1.15
C ASN A 43 -22.93 0.20 2.27
N LYS A 44 -22.24 -0.22 3.33
CA LYS A 44 -22.06 0.66 4.48
C LYS A 44 -21.05 1.77 4.19
N LEU A 45 -20.02 1.47 3.40
CA LEU A 45 -19.10 2.53 2.99
C LEU A 45 -19.82 3.59 2.17
N ASN A 46 -20.65 3.16 1.23
CA ASN A 46 -21.43 4.09 0.42
C ASN A 46 -22.33 4.95 1.29
N ASP A 47 -23.00 4.34 2.27
CA ASP A 47 -23.94 5.08 3.11
C ASP A 47 -23.20 6.00 4.08
N THR A 48 -22.06 5.56 4.61
CA THR A 48 -21.34 6.38 5.57
C THR A 48 -20.67 7.58 4.90
N THR A 49 -20.16 7.42 3.68
CA THR A 49 -19.56 8.58 3.03
C THR A 49 -20.61 9.57 2.54
N LYS A 50 -21.84 9.12 2.31
CA LYS A 50 -22.91 10.08 2.07
C LYS A 50 -23.21 10.90 3.33
N LYS A 51 -23.26 10.26 4.50
CA LYS A 51 -23.50 11.02 5.73
C LYS A 51 -22.39 12.04 5.97
N ILE A 52 -21.15 11.67 5.65
CA ILE A 52 -20.04 12.60 5.84
C ILE A 52 -20.18 13.80 4.92
N SER A 53 -20.46 13.55 3.63
CA SER A 53 -20.54 14.64 2.66
C SER A 53 -21.67 15.59 3.00
N LYS A 54 -22.84 15.05 3.37
CA LYS A 54 -23.97 15.92 3.70
C LYS A 54 -23.71 16.74 4.95
N MET A 55 -23.07 16.15 5.96
CA MET A 55 -22.70 16.90 7.16
C MET A 55 -21.75 18.03 6.82
N LEU A 56 -20.73 17.75 6.00
CA LEU A 56 -19.81 18.79 5.56
C LEU A 56 -20.55 19.91 4.80
N LEU A 57 -21.45 19.52 3.91
CA LEU A 57 -22.23 20.50 3.16
C LEU A 57 -23.06 21.37 4.09
N SER A 58 -23.69 20.75 5.11
CA SER A 58 -24.48 21.49 6.07
C SER A 58 -23.64 22.39 6.97
N ASN A 59 -22.31 22.20 6.99
CA ASN A 59 -21.41 23.02 7.78
C ASN A 59 -20.58 23.97 6.92
N GLY A 60 -21.00 24.21 5.67
CA GLY A 60 -20.38 25.24 4.87
C GLY A 60 -19.27 24.82 3.93
N PHE A 61 -19.04 23.53 3.75
CA PHE A 61 -17.97 23.04 2.88
C PHE A 61 -18.45 22.85 1.44
N GLU A 62 -17.48 22.84 0.54
CA GLU A 62 -17.65 22.45 -0.85
C GLU A 62 -16.96 21.10 -1.06
N ILE A 63 -17.66 20.12 -1.62
CA ILE A 63 -17.07 18.78 -1.76
C ILE A 63 -16.19 18.76 -3.02
N ILE A 64 -14.92 18.38 -2.84
CA ILE A 64 -13.93 18.33 -3.92
C ILE A 64 -13.76 16.92 -4.47
N PHE A 65 -13.82 15.92 -3.58
CA PHE A 65 -13.52 14.54 -3.94
C PHE A 65 -14.42 13.67 -3.08
N GLN A 66 -15.06 12.68 -3.69
CA GLN A 66 -15.96 11.80 -2.95
C GLN A 66 -15.93 10.44 -3.65
N ALA A 67 -15.10 9.55 -3.13
CA ALA A 67 -15.19 8.13 -3.41
C ALA A 67 -15.80 7.45 -2.19
N ALA A 68 -15.88 6.13 -2.25
CA ALA A 68 -16.17 5.36 -1.06
C ALA A 68 -14.92 5.31 -0.19
N ASP A 69 -15.10 5.60 1.09
CA ASP A 69 -14.13 5.71 2.17
C ASP A 69 -13.30 7.01 2.09
N GLY A 70 -13.28 7.73 0.96
CA GLY A 70 -12.60 9.02 0.89
C GLY A 70 -13.47 10.22 0.53
N VAL A 71 -13.43 11.28 1.34
CA VAL A 71 -14.09 12.56 1.03
C VAL A 71 -13.13 13.70 1.35
N THR A 72 -12.97 14.63 0.39
CA THR A 72 -12.16 15.82 0.56
C THR A 72 -13.01 17.05 0.22
N ALA A 73 -12.86 18.10 1.04
CA ALA A 73 -13.72 19.27 0.92
C ALA A 73 -12.94 20.51 1.30
N LYS A 74 -13.54 21.67 1.06
CA LYS A 74 -12.90 22.92 1.46
C LYS A 74 -13.98 23.94 1.85
N THR A 75 -13.55 24.96 2.60
CA THR A 75 -14.46 26.03 2.98
C THR A 75 -13.66 27.31 3.15
N ASP A 76 -14.35 28.44 2.97
CA ASP A 76 -13.81 29.73 3.33
C ASP A 76 -14.41 30.29 4.60
N ASN A 77 -15.41 29.63 5.18
CA ASN A 77 -16.03 30.06 6.42
C ASN A 77 -15.27 29.47 7.61
N GLU A 78 -15.40 30.12 8.75
CA GLU A 78 -14.92 29.56 10.00
C GLU A 78 -15.74 28.33 10.35
N VAL A 79 -15.09 27.31 10.89
CA VAL A 79 -15.77 26.09 11.29
C VAL A 79 -15.20 25.61 12.62
N ASN A 80 -16.05 24.89 13.37
CA ASN A 80 -15.63 24.19 14.58
C ASN A 80 -15.17 22.80 14.17
N LEU A 81 -13.85 22.63 14.02
CA LEU A 81 -13.30 21.35 13.62
C LEU A 81 -13.56 20.27 14.67
N ASN A 82 -13.64 20.65 15.94
CA ASN A 82 -13.98 19.66 16.96
C ASN A 82 -15.37 19.08 16.71
N PHE A 83 -16.35 19.95 16.46
CA PHE A 83 -17.69 19.49 16.15
C PHE A 83 -17.72 18.65 14.88
N VAL A 84 -17.05 19.11 13.83
CA VAL A 84 -17.06 18.40 12.54
C VAL A 84 -16.43 17.01 12.70
N PHE A 85 -15.27 16.94 13.35
CA PHE A 85 -14.66 15.63 13.48
C PHE A 85 -15.38 14.75 14.49
N ASP A 86 -16.05 15.34 15.48
CA ASP A 86 -16.90 14.53 16.34
C ASP A 86 -18.03 13.88 15.56
N LYS A 87 -18.61 14.61 14.60
CA LYS A 87 -19.63 14.02 13.73
C LYS A 87 -19.05 12.87 12.92
N ILE A 88 -17.87 13.07 12.35
CA ILE A 88 -17.23 12.00 11.57
C ILE A 88 -17.00 10.78 12.44
N LYS A 89 -16.52 10.98 13.68
CA LYS A 89 -16.34 9.86 14.60
C LYS A 89 -17.66 9.15 14.89
N SER A 90 -18.77 9.90 14.97
CA SER A 90 -20.06 9.28 15.24
C SER A 90 -20.58 8.45 14.07
N TYR A 91 -20.00 8.59 12.88
CA TYR A 91 -20.44 7.84 11.71
C TYR A 91 -19.71 6.52 11.54
N SER A 92 -18.77 6.19 12.43
CA SER A 92 -18.09 4.90 12.37
C SER A 92 -19.08 3.75 12.53
N PHE A 93 -18.71 2.60 11.97
CA PHE A 93 -19.51 1.39 12.08
C PHE A 93 -18.57 0.19 12.20
N ASP A 94 -18.87 -0.71 13.14
CA ASP A 94 -18.11 -1.94 13.35
C ASP A 94 -16.67 -1.54 13.70
N GLU A 95 -15.65 -2.19 13.14
CA GLU A 95 -14.27 -1.80 13.33
C GLU A 95 -13.77 -0.88 12.23
N ILE A 96 -14.65 -0.12 11.60
CA ILE A 96 -14.29 0.81 10.53
C ILE A 96 -14.46 2.23 11.04
N THR A 97 -13.39 3.01 10.97
CA THR A 97 -13.33 4.39 11.42
C THR A 97 -12.68 5.23 10.32
N PHE A 98 -12.68 6.55 10.51
CA PHE A 98 -12.10 7.48 9.54
C PHE A 98 -11.12 8.42 10.24
N SER A 99 -10.09 8.81 9.51
CA SER A 99 -9.13 9.83 9.97
C SER A 99 -9.21 11.05 9.04
N ALA A 100 -8.59 12.15 9.49
CA ALA A 100 -8.69 13.41 8.77
C ALA A 100 -7.41 14.22 8.86
N GLY A 101 -7.10 14.93 7.79
CA GLY A 101 -6.08 15.97 7.82
C GLY A 101 -6.64 17.29 7.36
N VAL A 102 -6.24 18.36 8.05
CA VAL A 102 -6.68 19.72 7.73
C VAL A 102 -5.45 20.53 7.35
N GLY A 103 -5.62 21.40 6.34
CA GLY A 103 -4.55 22.25 5.86
C GLY A 103 -5.11 23.43 5.09
N ALA A 104 -4.19 24.32 4.69
CA ALA A 104 -4.52 25.52 3.94
C ALA A 104 -4.47 25.32 2.43
N ASN A 105 -4.10 24.12 1.97
CA ASN A 105 -4.21 23.75 0.57
C ASN A 105 -4.29 22.22 0.52
N LEU A 106 -4.42 21.68 -0.71
CA LEU A 106 -4.58 20.25 -0.88
C LEU A 106 -3.39 19.47 -0.34
N ARG A 107 -2.17 19.95 -0.62
CA ARG A 107 -0.98 19.22 -0.20
C ARG A 107 -0.90 19.13 1.32
N GLU A 108 -1.24 20.23 2.00
CA GLU A 108 -1.16 20.23 3.46
C GLU A 108 -2.21 19.32 4.08
N ALA A 109 -3.45 19.36 3.57
CA ALA A 109 -4.45 18.43 4.09
C ALA A 109 -4.03 16.98 3.85
N TYR A 110 -3.41 16.70 2.70
CA TYR A 110 -2.99 15.34 2.40
C TYR A 110 -1.86 14.88 3.34
N VAL A 111 -0.89 15.75 3.58
CA VAL A 111 0.21 15.39 4.47
C VAL A 111 -0.29 15.24 5.90
N ALA A 112 -1.21 16.12 6.31
CA ALA A 112 -1.84 15.99 7.62
C ALA A 112 -2.62 14.68 7.72
N LEU A 113 -3.29 14.28 6.63
CA LEU A 113 -3.99 13.01 6.66
C LEU A 113 -3.02 11.84 6.80
N LEU A 114 -1.91 11.87 6.06
CA LEU A 114 -0.88 10.85 6.25
C LEU A 114 -0.39 10.84 7.70
N ASN A 115 -0.23 12.02 8.30
CA ASN A 115 0.19 12.09 9.69
C ASN A 115 -0.78 11.35 10.60
N SER A 116 -2.08 11.60 10.44
CA SER A 116 -3.08 10.89 11.24
C SER A 116 -2.99 9.39 11.03
N LYS A 117 -2.89 8.96 9.76
CA LYS A 117 -2.91 7.53 9.47
C LYS A 117 -1.68 6.84 10.03
N SER A 118 -0.55 7.52 10.04
CA SER A 118 0.69 6.88 10.48
C SER A 118 0.80 6.84 12.00
N ASN A 119 0.03 7.65 12.73
CA ASN A 119 0.13 7.72 14.18
C ASN A 119 -1.03 7.06 14.91
N GLY A 120 -2.02 6.55 14.20
CA GLY A 120 -3.14 5.91 14.87
C GLY A 120 -4.33 5.76 13.95
N LYS A 121 -5.50 5.71 14.57
CA LYS A 121 -6.76 5.67 13.84
C LYS A 121 -7.76 6.60 14.51
N ASN A 122 -8.78 6.98 13.75
CA ASN A 122 -9.88 7.77 14.29
C ASN A 122 -9.38 9.09 14.88
N MET A 123 -8.37 9.69 14.24
CA MET A 123 -7.82 10.95 14.70
C MET A 123 -7.72 11.96 13.56
N ILE A 124 -7.64 13.23 13.93
CA ILE A 124 -7.51 14.34 13.00
C ILE A 124 -6.21 15.07 13.29
N SER A 125 -5.52 15.49 12.23
CA SER A 125 -4.32 16.31 12.33
C SER A 125 -4.51 17.60 11.56
N ILE A 126 -3.98 18.69 12.11
CA ILE A 126 -3.93 19.99 11.45
C ILE A 126 -2.48 20.25 11.05
N TYR A 127 -2.28 20.58 9.77
CA TYR A 127 -0.92 20.61 9.23
C TYR A 127 -0.02 21.56 10.00
N LYS A 128 -0.49 22.77 10.27
CA LYS A 128 0.34 23.75 10.99
C LYS A 128 0.76 23.26 12.37
N ASP A 129 0.02 22.33 12.96
CA ASP A 129 0.33 21.83 14.29
C ASP A 129 1.25 20.63 14.28
N ILE A 130 1.75 20.22 13.13
CA ILE A 130 2.75 19.15 13.05
C ILE A 130 4.14 19.78 13.09
N SER B 12 8.00 -30.47 2.00
CA SER B 12 8.53 -29.11 1.97
C SER B 12 7.57 -28.11 2.60
N MET B 13 8.11 -27.20 3.40
CA MET B 13 7.31 -26.17 4.04
C MET B 13 7.95 -24.82 3.77
N TYR B 14 7.13 -23.85 3.36
CA TYR B 14 7.57 -22.50 3.12
C TYR B 14 6.97 -21.60 4.18
N ILE B 15 7.73 -20.60 4.62
CA ILE B 15 7.27 -19.65 5.63
C ILE B 15 7.64 -18.25 5.16
N ALA B 16 6.67 -17.34 5.20
CA ALA B 16 6.88 -15.94 4.83
C ALA B 16 6.54 -15.10 6.06
N ILE B 17 7.51 -14.30 6.51
CA ILE B 17 7.38 -13.49 7.72
C ILE B 17 7.50 -12.02 7.35
N ASP B 18 6.64 -11.19 7.94
CA ASP B 18 6.63 -9.78 7.62
C ASP B 18 6.26 -8.98 8.86
N GLY B 19 6.87 -7.82 9.02
CA GLY B 19 6.49 -6.93 10.11
C GLY B 19 5.11 -6.34 9.87
N ASP B 20 4.43 -6.02 10.96
CA ASP B 20 3.14 -5.32 10.92
C ASP B 20 3.37 -3.83 11.15
N ASP B 21 2.83 -3.01 10.26
CA ASP B 21 2.72 -1.56 10.44
C ASP B 21 4.08 -0.87 10.52
N VAL B 22 5.14 -1.53 10.04
CA VAL B 22 6.46 -0.91 10.07
C VAL B 22 6.44 0.41 9.30
N GLY B 23 5.84 0.38 8.11
CA GLY B 23 5.82 1.56 7.26
C GLY B 23 5.17 2.76 7.92
N ARG B 24 4.16 2.52 8.76
CA ARG B 24 3.50 3.62 9.46
C ARG B 24 4.42 4.25 10.50
N LYS B 25 5.17 3.42 11.24
CA LYS B 25 6.14 3.97 12.19
C LYS B 25 7.23 4.76 11.47
N ILE B 26 7.68 4.27 10.31
CA ILE B 26 8.66 4.99 9.52
C ILE B 26 8.10 6.32 9.05
N THR B 27 6.89 6.29 8.48
CA THR B 27 6.28 7.53 8.00
C THR B 27 6.11 8.54 9.12
N SER B 28 5.63 8.10 10.29
CA SER B 28 5.49 8.98 11.43
C SER B 28 6.78 9.74 11.71
N SER B 29 7.92 9.04 11.63
CA SER B 29 9.21 9.66 11.95
C SER B 29 9.57 10.73 10.93
N TYR B 30 9.44 10.44 9.63
CA TYR B 30 9.68 11.47 8.62
C TYR B 30 8.83 12.71 8.86
N LEU B 31 7.52 12.51 9.07
CA LEU B 31 6.64 13.66 9.14
C LEU B 31 6.89 14.50 10.40
N SER B 32 7.34 13.89 11.49
CA SER B 32 7.67 14.67 12.68
C SER B 32 9.13 15.11 12.71
N ASN B 33 9.88 14.93 11.63
CA ASN B 33 11.28 15.33 11.55
C ASN B 33 12.11 14.74 12.69
N SER B 34 11.86 13.47 13.00
CA SER B 34 12.53 12.80 14.12
C SER B 34 13.64 11.92 13.56
N GLU B 35 14.81 12.52 13.34
CA GLU B 35 15.96 11.75 12.85
C GLU B 35 16.30 10.60 13.79
N GLU B 36 16.27 10.85 15.11
CA GLU B 36 16.69 9.83 16.06
C GLU B 36 15.74 8.65 16.05
N ARG B 37 14.44 8.90 15.95
CA ARG B 37 13.48 7.81 15.92
C ARG B 37 13.58 7.04 14.61
N LEU B 38 13.92 7.72 13.51
CA LEU B 38 14.05 7.04 12.23
C LEU B 38 15.30 6.18 12.18
N THR B 39 16.41 6.68 12.73
CA THR B 39 17.62 5.86 12.80
C THR B 39 17.44 4.69 13.76
N TYR B 40 16.75 4.92 14.88
CA TYR B 40 16.45 3.83 15.81
C TYR B 40 15.67 2.72 15.11
N ILE B 41 14.67 3.09 14.30
CA ILE B 41 13.88 2.07 13.60
C ILE B 41 14.77 1.30 12.62
N SER B 42 15.57 2.03 11.84
CA SER B 42 16.51 1.40 10.91
C SER B 42 17.38 0.37 11.62
N ASN B 43 18.01 0.77 12.73
CA ASN B 43 18.88 -0.14 13.46
C ASN B 43 18.10 -1.31 14.06
N LYS B 44 16.92 -1.04 14.62
CA LYS B 44 16.14 -2.10 15.24
C LYS B 44 15.62 -3.09 14.20
N LEU B 45 15.14 -2.60 13.05
CA LEU B 45 14.67 -3.51 12.00
C LEU B 45 15.78 -4.43 11.52
N ASN B 46 16.98 -3.86 11.29
CA ASN B 46 18.09 -4.68 10.80
C ASN B 46 18.50 -5.71 11.84
N ASP B 47 18.58 -5.32 13.11
CA ASP B 47 18.83 -6.30 14.17
C ASP B 47 17.77 -7.38 14.19
N THR B 48 16.50 -7.00 14.02
CA THR B 48 15.44 -7.98 14.18
C THR B 48 15.37 -8.95 13.00
N THR B 49 15.56 -8.45 11.78
CA THR B 49 15.55 -9.38 10.65
C THR B 49 16.72 -10.34 10.70
N LYS B 50 17.87 -9.91 11.20
CA LYS B 50 18.97 -10.85 11.37
C LYS B 50 18.65 -11.89 12.43
N LYS B 51 17.99 -11.49 13.54
CA LYS B 51 17.61 -12.47 14.54
C LYS B 51 16.62 -13.48 13.98
N ILE B 52 15.67 -13.01 13.16
CA ILE B 52 14.70 -13.91 12.57
C ILE B 52 15.39 -14.91 11.63
N SER B 53 16.26 -14.42 10.75
CA SER B 53 16.90 -15.31 9.79
C SER B 53 17.85 -16.28 10.47
N LYS B 54 18.61 -15.81 11.48
CA LYS B 54 19.47 -16.72 12.22
C LYS B 54 18.67 -17.79 12.96
N MET B 55 17.49 -17.43 13.47
CA MET B 55 16.64 -18.41 14.15
C MET B 55 16.11 -19.44 13.16
N LEU B 56 15.70 -19.01 11.96
CA LEU B 56 15.25 -19.95 10.94
C LEU B 56 16.39 -20.88 10.50
N LEU B 57 17.56 -20.30 10.22
CA LEU B 57 18.73 -21.12 9.91
C LEU B 57 19.02 -22.10 11.05
N SER B 58 18.93 -21.62 12.29
CA SER B 58 19.18 -22.50 13.44
C SER B 58 18.18 -23.65 13.52
N ASN B 59 17.02 -23.50 12.88
CA ASN B 59 16.00 -24.54 12.88
C ASN B 59 15.99 -25.32 11.58
N GLY B 60 17.02 -25.18 10.76
CA GLY B 60 17.13 -26.01 9.57
C GLY B 60 16.43 -25.50 8.33
N PHE B 61 15.99 -24.24 8.32
CA PHE B 61 15.45 -23.61 7.12
C PHE B 61 16.57 -23.12 6.21
N GLU B 62 16.23 -23.01 4.93
CA GLU B 62 17.03 -22.33 3.94
C GLU B 62 16.38 -20.98 3.64
N ILE B 63 17.15 -19.90 3.67
CA ILE B 63 16.59 -18.56 3.48
C ILE B 63 16.43 -18.29 1.99
N ILE B 64 15.23 -17.89 1.58
CA ILE B 64 14.93 -17.57 0.19
C ILE B 64 14.96 -16.06 -0.05
N PHE B 65 14.56 -15.27 0.93
CA PHE B 65 14.38 -13.83 0.73
C PHE B 65 14.58 -13.17 2.08
N GLN B 66 15.40 -12.12 2.10
CA GLN B 66 15.68 -11.41 3.35
C GLN B 66 15.86 -9.93 3.05
N ALA B 67 14.85 -9.15 3.37
CA ALA B 67 14.93 -7.70 3.40
C ALA B 67 14.68 -7.23 4.84
N ALA B 68 14.50 -5.93 5.01
CA ALA B 68 14.05 -5.42 6.29
C ALA B 68 12.59 -5.78 6.50
N ASP B 69 12.24 -6.08 7.75
CA ASP B 69 10.91 -6.49 8.20
C ASP B 69 10.29 -7.63 7.36
N GLY B 70 11.10 -8.35 6.57
CA GLY B 70 10.58 -9.45 5.78
C GLY B 70 11.57 -10.58 5.52
N VAL B 71 11.23 -11.80 5.91
CA VAL B 71 12.09 -12.97 5.69
C VAL B 71 11.22 -14.13 5.25
N THR B 72 11.62 -14.81 4.18
CA THR B 72 10.94 -16.00 3.70
C THR B 72 11.96 -17.13 3.59
N ALA B 73 11.53 -18.33 3.96
CA ALA B 73 12.44 -19.46 4.04
C ALA B 73 11.68 -20.73 3.72
N LYS B 74 12.42 -21.83 3.55
CA LYS B 74 11.81 -23.11 3.28
C LYS B 74 12.64 -24.20 3.92
N THR B 75 11.98 -25.28 4.30
CA THR B 75 12.67 -26.43 4.86
C THR B 75 12.02 -27.72 4.37
N ASP B 76 12.84 -28.77 4.27
CA ASP B 76 12.37 -30.12 4.00
C ASP B 76 12.46 -31.01 5.22
N ASN B 77 12.98 -30.50 6.33
CA ASN B 77 13.13 -31.25 7.56
C ASN B 77 11.97 -30.96 8.49
N GLU B 78 11.91 -31.73 9.58
CA GLU B 78 10.87 -31.50 10.57
C GLU B 78 11.15 -30.20 11.32
N VAL B 79 10.07 -29.56 11.76
CA VAL B 79 10.16 -28.29 12.44
C VAL B 79 9.01 -28.17 13.43
N ASN B 80 9.29 -27.60 14.60
CA ASN B 80 8.27 -27.16 15.53
C ASN B 80 7.93 -25.71 15.19
N LEU B 81 6.81 -25.51 14.49
CA LEU B 81 6.39 -24.15 14.14
C LEU B 81 6.01 -23.35 15.37
N ASN B 82 5.43 -23.99 16.37
CA ASN B 82 5.06 -23.27 17.58
C ASN B 82 6.30 -22.64 18.21
N PHE B 83 7.38 -23.42 18.33
CA PHE B 83 8.63 -22.87 18.84
C PHE B 83 9.15 -21.78 17.91
N VAL B 84 9.08 -21.99 16.60
CA VAL B 84 9.61 -21.01 15.66
C VAL B 84 8.82 -19.70 15.74
N PHE B 85 7.50 -19.78 15.74
CA PHE B 85 6.76 -18.51 15.81
C PHE B 85 6.81 -17.89 17.20
N ASP B 86 6.92 -18.69 18.26
CA ASP B 86 7.10 -18.09 19.58
C ASP B 86 8.35 -17.23 19.62
N LYS B 87 9.43 -17.70 18.99
CA LYS B 87 10.64 -16.90 18.91
C LYS B 87 10.39 -15.64 18.10
N ILE B 88 9.69 -15.75 16.97
CA ILE B 88 9.40 -14.57 16.17
C ILE B 88 8.64 -13.53 16.99
N LYS B 89 7.65 -13.95 17.77
CA LYS B 89 6.88 -13.00 18.57
C LYS B 89 7.74 -12.35 19.65
N SER B 90 8.74 -13.07 20.16
CA SER B 90 9.63 -12.48 21.16
C SER B 90 10.56 -11.43 20.58
N TYR B 91 10.64 -11.31 19.25
CA TYR B 91 11.46 -10.27 18.64
C TYR B 91 10.73 -8.94 18.46
N SER B 92 9.49 -8.85 18.91
CA SER B 92 8.77 -7.58 18.81
C SER B 92 9.52 -6.49 19.57
N PHE B 93 9.47 -5.28 19.04
CA PHE B 93 10.00 -4.11 19.73
C PHE B 93 9.05 -2.95 19.52
N ASP B 94 8.78 -2.21 20.60
CA ASP B 94 7.91 -1.05 20.60
C ASP B 94 6.55 -1.49 20.03
N GLU B 95 5.96 -0.76 19.10
CA GLU B 95 4.67 -1.16 18.54
C GLU B 95 4.80 -2.04 17.31
N ILE B 96 5.98 -2.59 17.04
CA ILE B 96 6.23 -3.36 15.82
C ILE B 96 6.21 -4.84 16.16
N THR B 97 5.26 -5.57 15.57
CA THR B 97 5.17 -7.02 15.66
C THR B 97 5.32 -7.63 14.27
N PHE B 98 5.39 -8.97 14.22
CA PHE B 98 5.61 -9.70 12.98
C PHE B 98 4.53 -10.76 12.79
N SER B 99 4.04 -10.90 11.54
CA SER B 99 3.06 -11.90 11.14
C SER B 99 3.70 -12.96 10.24
N ALA B 100 3.02 -14.10 10.07
CA ALA B 100 3.60 -15.19 9.29
C ALA B 100 2.52 -15.97 8.53
N GLY B 101 2.93 -16.48 7.38
CA GLY B 101 2.14 -17.44 6.63
C GLY B 101 2.95 -18.67 6.30
N VAL B 102 2.29 -19.83 6.37
CA VAL B 102 2.92 -21.12 6.11
C VAL B 102 2.14 -21.85 5.02
N GLY B 103 2.86 -22.46 4.09
CA GLY B 103 2.22 -23.20 3.01
C GLY B 103 3.16 -24.23 2.41
N ALA B 104 2.63 -24.98 1.44
CA ALA B 104 3.40 -26.02 0.78
C ALA B 104 4.21 -25.50 -0.40
N ASN B 105 4.01 -24.25 -0.80
CA ASN B 105 4.84 -23.59 -1.80
C ASN B 105 4.83 -22.10 -1.49
N LEU B 106 5.52 -21.32 -2.33
CA LEU B 106 5.60 -19.87 -2.10
C LEU B 106 4.24 -19.20 -2.16
N ARG B 107 3.42 -19.57 -3.14
CA ARG B 107 2.13 -18.91 -3.30
C ARG B 107 1.23 -19.16 -2.09
N GLU B 108 1.23 -20.39 -1.57
CA GLU B 108 0.43 -20.68 -0.38
C GLU B 108 0.94 -19.92 0.84
N ALA B 109 2.27 -19.88 1.03
CA ALA B 109 2.81 -19.13 2.15
C ALA B 109 2.44 -17.65 2.06
N TYR B 110 2.52 -17.09 0.85
CA TYR B 110 2.20 -15.68 0.66
C TYR B 110 0.73 -15.40 0.98
N VAL B 111 -0.17 -16.23 0.49
CA VAL B 111 -1.59 -16.00 0.71
C VAL B 111 -1.93 -16.19 2.19
N ALA B 112 -1.31 -17.18 2.83
CA ALA B 112 -1.43 -17.32 4.27
C ALA B 112 -0.94 -16.06 5.00
N LEU B 113 0.18 -15.47 4.55
CA LEU B 113 0.67 -14.25 5.18
C LEU B 113 -0.31 -13.10 4.97
N LEU B 114 -0.88 -12.99 3.77
CA LEU B 114 -1.92 -11.98 3.54
C LEU B 114 -3.09 -12.19 4.48
N ASN B 115 -3.47 -13.45 4.71
CA ASN B 115 -4.53 -13.76 5.67
C ASN B 115 -4.19 -13.25 7.06
N SER B 116 -2.95 -13.46 7.51
CA SER B 116 -2.55 -13.03 8.84
C SER B 116 -2.61 -11.51 8.95
N LYS B 117 -2.10 -10.81 7.95
CA LYS B 117 -1.99 -9.35 8.03
C LYS B 117 -3.34 -8.68 7.93
N SER B 118 -4.29 -9.30 7.22
CA SER B 118 -5.60 -8.68 7.10
C SER B 118 -6.51 -8.99 8.27
N ASN B 119 -6.20 -10.00 9.07
CA ASN B 119 -7.09 -10.43 10.14
C ASN B 119 -6.59 -10.09 11.53
N GLY B 120 -5.35 -9.66 11.69
CA GLY B 120 -4.90 -9.30 13.01
C GLY B 120 -3.48 -8.81 13.01
N LYS B 121 -2.89 -8.87 14.19
CA LYS B 121 -1.50 -8.53 14.40
C LYS B 121 -0.84 -9.69 15.12
N ASN B 122 0.43 -9.92 14.79
CA ASN B 122 1.26 -10.86 15.51
C ASN B 122 0.71 -12.28 15.42
N MET B 123 0.11 -12.64 14.28
CA MET B 123 -0.48 -13.96 14.14
C MET B 123 0.16 -14.73 13.01
N ILE B 124 -0.04 -16.04 13.03
CA ILE B 124 0.45 -16.95 12.02
C ILE B 124 -0.73 -17.69 11.42
N SER B 125 -0.68 -17.94 10.11
CA SER B 125 -1.73 -18.68 9.42
C SER B 125 -1.11 -19.79 8.59
N ILE B 126 -1.75 -20.95 8.61
CA ILE B 126 -1.34 -22.07 7.78
C ILE B 126 -2.32 -22.16 6.62
N TYR B 127 -1.79 -22.22 5.40
CA TYR B 127 -2.62 -22.08 4.21
C TYR B 127 -3.79 -23.08 4.21
N LYS B 128 -3.52 -24.34 4.57
CA LYS B 128 -4.62 -25.32 4.52
C LYS B 128 -5.74 -24.97 5.50
N ASP B 129 -5.43 -24.24 6.58
CA ASP B 129 -6.45 -23.90 7.57
C ASP B 129 -7.40 -22.80 7.11
N ILE B 130 -7.16 -22.19 5.95
CA ILE B 130 -7.97 -21.09 5.47
C ILE B 130 -9.05 -21.54 4.47
N LEU B 131 -8.89 -22.72 3.87
CA LEU B 131 -9.84 -23.20 2.86
C LEU B 131 -11.20 -23.53 3.45
N SER C 12 -20.05 -21.76 -11.05
CA SER C 12 -20.07 -20.36 -10.61
C SER C 12 -18.74 -19.68 -10.88
N MET C 13 -18.81 -18.41 -11.24
CA MET C 13 -17.62 -17.64 -11.56
C MET C 13 -17.65 -16.31 -10.83
N TYR C 14 -16.52 -15.94 -10.24
CA TYR C 14 -16.38 -14.66 -9.56
C TYR C 14 -15.37 -13.81 -10.34
N ILE C 15 -15.64 -12.50 -10.41
CA ILE C 15 -14.72 -11.59 -11.07
C ILE C 15 -14.48 -10.39 -10.16
N ALA C 16 -13.21 -10.02 -9.99
CA ALA C 16 -12.81 -8.87 -9.19
C ALA C 16 -12.06 -7.90 -10.10
N ILE C 17 -12.54 -6.66 -10.17
CA ILE C 17 -12.02 -5.64 -11.09
C ILE C 17 -11.55 -4.44 -10.27
N ASP C 18 -10.39 -3.89 -10.64
CA ASP C 18 -9.84 -2.75 -9.92
C ASP C 18 -9.02 -1.88 -10.85
N GLY C 19 -8.92 -0.60 -10.53
CA GLY C 19 -8.11 0.30 -11.33
C GLY C 19 -6.63 0.08 -11.09
N ASP C 20 -5.83 0.37 -12.12
CA ASP C 20 -4.38 0.27 -12.05
C ASP C 20 -3.82 1.61 -11.59
N ASP C 21 -3.15 1.61 -10.44
CA ASP C 21 -2.38 2.77 -9.98
C ASP C 21 -3.24 4.02 -9.85
N VAL C 22 -4.53 3.86 -9.56
CA VAL C 22 -5.39 5.04 -9.38
C VAL C 22 -4.87 5.90 -8.24
N GLY C 23 -4.44 5.27 -7.14
CA GLY C 23 -4.00 6.02 -5.98
C GLY C 23 -2.83 6.94 -6.27
N ARG C 24 -1.96 6.56 -7.21
CA ARG C 24 -0.83 7.40 -7.57
C ARG C 24 -1.29 8.67 -8.29
N LYS C 25 -2.30 8.54 -9.16
CA LYS C 25 -2.85 9.71 -9.83
C LYS C 25 -3.52 10.64 -8.83
N ILE C 26 -4.18 10.07 -7.82
CA ILE C 26 -4.83 10.88 -6.80
C ILE C 26 -3.78 11.59 -5.94
N THR C 27 -2.81 10.83 -5.44
CA THR C 27 -1.72 11.43 -4.67
C THR C 27 -1.04 12.55 -5.45
N SER C 28 -0.76 12.32 -6.74
CA SER C 28 -0.15 13.37 -7.56
C SER C 28 -0.99 14.63 -7.54
N SER C 29 -2.32 14.49 -7.60
CA SER C 29 -3.19 15.66 -7.62
C SER C 29 -3.11 16.46 -6.33
N TYR C 30 -3.03 15.78 -5.17
CA TYR C 30 -2.91 16.49 -3.90
C TYR C 30 -1.58 17.25 -3.82
N LEU C 31 -0.48 16.59 -4.20
CA LEU C 31 0.83 17.19 -3.96
C LEU C 31 1.07 18.38 -4.87
N SER C 32 0.45 18.40 -6.05
CA SER C 32 0.55 19.54 -6.96
C SER C 32 -0.53 20.59 -6.75
N ASN C 33 -1.36 20.43 -5.72
CA ASN C 33 -2.47 21.34 -5.42
C ASN C 33 -3.39 21.53 -6.63
N SER C 34 -3.78 20.43 -7.27
CA SER C 34 -4.61 20.46 -8.47
C SER C 34 -6.03 20.01 -8.13
N GLU C 35 -6.85 20.96 -7.65
CA GLU C 35 -8.24 20.65 -7.33
C GLU C 35 -9.00 20.17 -8.56
N GLU C 36 -8.79 20.83 -9.70
CA GLU C 36 -9.51 20.45 -10.92
C GLU C 36 -9.24 19.00 -11.30
N ARG C 37 -7.97 18.60 -11.26
CA ARG C 37 -7.64 17.22 -11.63
C ARG C 37 -8.18 16.23 -10.59
N LEU C 38 -8.15 16.61 -9.30
CA LEU C 38 -8.67 15.73 -8.27
C LEU C 38 -10.16 15.51 -8.43
N THR C 39 -10.90 16.59 -8.64
CA THR C 39 -12.34 16.48 -8.87
C THR C 39 -12.60 15.69 -10.15
N TYR C 40 -11.79 15.91 -11.18
CA TYR C 40 -11.94 15.14 -12.43
C TYR C 40 -11.80 13.65 -12.17
N ILE C 41 -10.76 13.24 -11.44
CA ILE C 41 -10.58 11.84 -11.12
C ILE C 41 -11.77 11.30 -10.35
N SER C 42 -12.28 12.07 -9.38
CA SER C 42 -13.42 11.61 -8.59
C SER C 42 -14.62 11.32 -9.48
N ASN C 43 -14.91 12.23 -10.42
CA ASN C 43 -16.11 12.07 -11.23
C ASN C 43 -15.97 10.93 -12.24
N LYS C 44 -14.79 10.80 -12.87
CA LYS C 44 -14.59 9.77 -13.88
C LYS C 44 -14.53 8.38 -13.26
N LEU C 45 -13.93 8.26 -12.08
CA LEU C 45 -13.95 6.98 -11.38
C LEU C 45 -15.37 6.54 -11.10
N ASN C 46 -16.18 7.44 -10.54
CA ASN C 46 -17.54 7.05 -10.19
C ASN C 46 -18.36 6.73 -11.42
N ASP C 47 -18.15 7.49 -12.51
CA ASP C 47 -18.82 7.18 -13.77
C ASP C 47 -18.33 5.87 -14.36
N THR C 48 -17.03 5.61 -14.29
CA THR C 48 -16.50 4.37 -14.87
C THR C 48 -16.99 3.15 -14.11
N THR C 49 -17.04 3.23 -12.78
CA THR C 49 -17.48 2.04 -12.07
C THR C 49 -18.98 1.83 -12.21
N LYS C 50 -19.75 2.90 -12.44
CA LYS C 50 -21.15 2.71 -12.78
C LYS C 50 -21.28 1.98 -14.13
N LYS C 51 -20.46 2.32 -15.11
CA LYS C 51 -20.51 1.63 -16.39
C LYS C 51 -20.11 0.17 -16.25
N ILE C 52 -19.11 -0.11 -15.40
CA ILE C 52 -18.70 -1.49 -15.18
C ILE C 52 -19.84 -2.30 -14.57
N SER C 53 -20.47 -1.76 -13.52
CA SER C 53 -21.55 -2.49 -12.85
C SER C 53 -22.72 -2.72 -13.80
N LYS C 54 -23.06 -1.74 -14.63
CA LYS C 54 -24.19 -1.92 -15.53
C LYS C 54 -23.90 -2.96 -16.60
N MET C 55 -22.67 -3.00 -17.11
CA MET C 55 -22.30 -4.01 -18.10
C MET C 55 -22.32 -5.41 -17.49
N LEU C 56 -21.90 -5.55 -16.24
CA LEU C 56 -21.94 -6.85 -15.57
C LEU C 56 -23.37 -7.31 -15.33
N LEU C 57 -24.21 -6.42 -14.78
CA LEU C 57 -25.61 -6.75 -14.57
C LEU C 57 -26.30 -7.12 -15.87
N SER C 58 -25.90 -6.47 -16.97
CA SER C 58 -26.45 -6.77 -18.29
C SER C 58 -26.07 -8.17 -18.78
N ASN C 59 -25.04 -8.77 -18.19
CA ASN C 59 -24.63 -10.11 -18.58
C ASN C 59 -24.91 -11.12 -17.48
N GLY C 60 -25.86 -10.82 -16.60
CA GLY C 60 -26.37 -11.78 -15.65
C GLY C 60 -25.60 -11.89 -14.36
N PHE C 61 -24.63 -11.00 -14.13
CA PHE C 61 -23.88 -10.99 -12.89
C PHE C 61 -24.69 -10.39 -11.76
N GLU C 62 -24.47 -10.90 -10.55
CA GLU C 62 -24.89 -10.23 -9.33
C GLU C 62 -23.70 -9.45 -8.78
N ILE C 63 -23.90 -8.18 -8.47
CA ILE C 63 -22.83 -7.32 -7.99
C ILE C 63 -22.60 -7.59 -6.52
N ILE C 64 -21.36 -7.92 -6.16
CA ILE C 64 -21.04 -8.22 -4.77
C ILE C 64 -20.49 -6.98 -4.06
N PHE C 65 -19.70 -6.19 -4.77
CA PHE C 65 -18.98 -5.06 -4.18
C PHE C 65 -18.86 -3.99 -5.25
N GLN C 66 -19.07 -2.73 -4.84
CA GLN C 66 -18.96 -1.60 -5.77
C GLN C 66 -18.59 -0.37 -4.94
N ALA C 67 -17.31 -0.02 -4.92
CA ALA C 67 -16.85 1.10 -4.11
C ALA C 67 -15.56 1.64 -4.71
N ALA C 68 -15.46 2.97 -4.78
CA ALA C 68 -14.31 3.65 -5.35
C ALA C 68 -14.02 3.16 -6.76
N ASP C 69 -12.91 2.47 -6.94
CA ASP C 69 -12.46 1.98 -8.25
C ASP C 69 -12.58 0.47 -8.39
N GLY C 70 -13.23 -0.22 -7.47
CA GLY C 70 -13.37 -1.68 -7.51
C GLY C 70 -14.80 -2.11 -7.73
N VAL C 71 -14.98 -3.12 -8.59
CA VAL C 71 -16.26 -3.82 -8.74
C VAL C 71 -15.99 -5.32 -8.73
N THR C 72 -16.74 -6.04 -7.88
CA THR C 72 -16.65 -7.49 -7.81
C THR C 72 -18.05 -8.08 -7.98
N ALA C 73 -18.14 -9.16 -8.76
CA ALA C 73 -19.44 -9.72 -9.10
C ALA C 73 -19.31 -11.22 -9.34
N LYS C 74 -20.45 -11.89 -9.45
CA LYS C 74 -20.46 -13.33 -9.69
C LYS C 74 -21.62 -13.70 -10.60
N THR C 75 -21.50 -14.84 -11.26
CA THR C 75 -22.62 -15.33 -12.06
C THR C 75 -22.57 -16.84 -12.19
N ASP C 76 -23.76 -17.42 -12.43
CA ASP C 76 -23.92 -18.80 -12.87
C ASP C 76 -24.29 -18.92 -14.35
N ASN C 77 -24.58 -17.81 -15.03
CA ASN C 77 -24.81 -17.87 -16.45
C ASN C 77 -23.51 -18.22 -17.17
N GLU C 78 -23.63 -18.57 -18.45
CA GLU C 78 -22.47 -18.62 -19.31
C GLU C 78 -22.03 -17.19 -19.62
N VAL C 79 -20.73 -17.01 -19.79
CA VAL C 79 -20.14 -15.69 -19.99
C VAL C 79 -18.97 -15.79 -20.95
N ASN C 80 -18.96 -14.95 -21.97
CA ASN C 80 -17.78 -14.76 -22.80
C ASN C 80 -16.87 -13.76 -22.09
N LEU C 81 -15.77 -14.25 -21.52
CA LEU C 81 -14.86 -13.38 -20.77
C LEU C 81 -14.14 -12.40 -21.68
N ASN C 82 -13.89 -12.80 -22.94
CA ASN C 82 -13.27 -11.88 -23.87
C ASN C 82 -14.15 -10.67 -24.11
N PHE C 83 -15.46 -10.89 -24.23
CA PHE C 83 -16.39 -9.78 -24.36
C PHE C 83 -16.38 -8.91 -23.10
N VAL C 84 -16.50 -9.54 -21.93
CA VAL C 84 -16.56 -8.78 -20.69
C VAL C 84 -15.28 -7.98 -20.46
N PHE C 85 -14.13 -8.59 -20.72
CA PHE C 85 -12.90 -7.84 -20.43
C PHE C 85 -12.52 -6.87 -21.54
N ASP C 86 -12.98 -7.09 -22.77
CA ASP C 86 -12.85 -6.05 -23.79
C ASP C 86 -13.70 -4.84 -23.43
N LYS C 87 -14.87 -5.07 -22.84
CA LYS C 87 -15.68 -3.97 -22.34
C LYS C 87 -14.97 -3.23 -21.20
N ILE C 88 -14.32 -3.99 -20.31
CA ILE C 88 -13.55 -3.37 -19.24
C ILE C 88 -12.47 -2.47 -19.81
N LYS C 89 -11.72 -2.98 -20.80
CA LYS C 89 -10.64 -2.22 -21.39
C LYS C 89 -11.12 -0.97 -22.11
N SER C 90 -12.36 -0.97 -22.62
CA SER C 90 -12.84 0.22 -23.29
C SER C 90 -13.15 1.36 -22.32
N TYR C 91 -13.21 1.07 -21.01
CA TYR C 91 -13.55 2.08 -20.02
C TYR C 91 -12.34 2.83 -19.49
N SER C 92 -11.14 2.59 -20.04
CA SER C 92 -9.96 3.30 -19.60
C SER C 92 -10.09 4.79 -19.89
N PHE C 93 -9.48 5.61 -19.05
CA PHE C 93 -9.49 7.05 -19.25
C PHE C 93 -8.16 7.61 -18.75
N ASP C 94 -7.64 8.59 -19.50
CA ASP C 94 -6.35 9.21 -19.21
C ASP C 94 -5.31 8.10 -19.05
N GLU C 95 -4.50 8.11 -18.00
CA GLU C 95 -3.51 7.06 -17.79
C GLU C 95 -4.02 5.98 -16.82
N ILE C 96 -5.34 5.84 -16.68
CA ILE C 96 -5.94 4.92 -15.72
C ILE C 96 -6.57 3.76 -16.46
N THR C 97 -6.03 2.56 -16.26
CA THR C 97 -6.56 1.33 -16.81
C THR C 97 -7.11 0.46 -15.68
N PHE C 98 -7.78 -0.62 -16.07
CA PHE C 98 -8.41 -1.54 -15.12
C PHE C 98 -7.94 -2.96 -15.36
N SER C 99 -7.70 -3.69 -14.27
CA SER C 99 -7.32 -5.10 -14.31
C SER C 99 -8.39 -5.95 -13.64
N ALA C 100 -8.30 -7.26 -13.83
CA ALA C 100 -9.31 -8.16 -13.29
C ALA C 100 -8.72 -9.52 -12.94
N GLY C 101 -9.35 -10.15 -11.97
CA GLY C 101 -9.08 -11.55 -11.66
C GLY C 101 -10.37 -12.34 -11.64
N VAL C 102 -10.29 -13.59 -12.11
CA VAL C 102 -11.43 -14.50 -12.20
C VAL C 102 -11.11 -15.79 -11.47
N GLY C 103 -12.09 -16.31 -10.73
CA GLY C 103 -11.93 -17.59 -10.06
C GLY C 103 -13.27 -18.24 -9.78
N ALA C 104 -13.21 -19.42 -9.14
CA ALA C 104 -14.41 -20.16 -8.79
C ALA C 104 -14.98 -19.74 -7.45
N ASN C 105 -14.27 -18.90 -6.69
CA ASN C 105 -14.77 -18.31 -5.46
C ASN C 105 -14.10 -16.95 -5.28
N LEU C 106 -14.44 -16.26 -4.20
CA LEU C 106 -13.91 -14.90 -3.99
C LEU C 106 -12.41 -14.91 -3.78
N ARG C 107 -11.91 -15.90 -3.02
CA ARG C 107 -10.48 -15.96 -2.73
C ARG C 107 -9.68 -16.10 -4.02
N GLU C 108 -10.11 -16.99 -4.90
CA GLU C 108 -9.41 -17.20 -6.17
C GLU C 108 -9.45 -15.94 -7.02
N ALA C 109 -10.61 -15.29 -7.10
CA ALA C 109 -10.71 -14.06 -7.89
C ALA C 109 -9.78 -12.99 -7.35
N TYR C 110 -9.69 -12.88 -6.02
CA TYR C 110 -8.82 -11.88 -5.41
C TYR C 110 -7.36 -12.19 -5.71
N VAL C 111 -6.94 -13.45 -5.54
CA VAL C 111 -5.55 -13.81 -5.81
C VAL C 111 -5.23 -13.60 -7.29
N ALA C 112 -6.19 -13.93 -8.17
CA ALA C 112 -5.97 -13.70 -9.60
C ALA C 112 -5.88 -12.20 -9.92
N LEU C 113 -6.65 -11.37 -9.21
CA LEU C 113 -6.49 -9.93 -9.37
C LEU C 113 -5.12 -9.47 -8.92
N LEU C 114 -4.64 -9.97 -7.77
CA LEU C 114 -3.28 -9.63 -7.32
C LEU C 114 -2.25 -10.06 -8.33
N ASN C 115 -2.49 -11.19 -9.01
CA ASN C 115 -1.59 -11.63 -10.07
C ASN C 115 -1.55 -10.63 -11.22
N SER C 116 -2.72 -10.16 -11.66
CA SER C 116 -2.77 -9.15 -12.71
C SER C 116 -2.02 -7.88 -12.30
N LYS C 117 -2.31 -7.37 -11.10
CA LYS C 117 -1.72 -6.11 -10.67
C LYS C 117 -0.21 -6.22 -10.59
N SER C 118 0.30 -7.38 -10.17
CA SER C 118 1.72 -7.53 -9.95
C SER C 118 2.50 -7.74 -11.24
N ASN C 119 1.84 -8.21 -12.31
CA ASN C 119 2.54 -8.56 -13.54
C ASN C 119 2.33 -7.58 -14.69
N GLY C 120 1.52 -6.55 -14.52
CA GLY C 120 1.36 -5.59 -15.59
C GLY C 120 0.19 -4.66 -15.33
N LYS C 121 -0.28 -4.06 -16.41
CA LYS C 121 -1.42 -3.16 -16.38
C LYS C 121 -2.42 -3.58 -17.42
N ASN C 122 -3.70 -3.33 -17.13
CA ASN C 122 -4.77 -3.54 -18.09
C ASN C 122 -4.89 -5.01 -18.49
N MET C 123 -4.61 -5.93 -17.57
CA MET C 123 -4.65 -7.34 -17.90
C MET C 123 -5.61 -8.11 -16.99
N ILE C 124 -5.96 -9.31 -17.44
CA ILE C 124 -6.89 -10.19 -16.73
C ILE C 124 -6.21 -11.53 -16.48
N SER C 125 -6.46 -12.10 -15.30
CA SER C 125 -5.90 -13.39 -14.91
C SER C 125 -7.04 -14.31 -14.48
N ILE C 126 -6.98 -15.56 -14.93
CA ILE C 126 -7.87 -16.62 -14.46
C ILE C 126 -7.10 -17.43 -13.43
N TYR C 127 -7.68 -17.62 -12.25
CA TYR C 127 -6.93 -18.26 -11.15
C TYR C 127 -6.34 -19.60 -11.59
N LYS C 128 -7.12 -20.37 -12.34
CA LYS C 128 -6.72 -21.72 -12.69
C LYS C 128 -5.48 -21.73 -13.58
N ASP C 129 -5.29 -20.67 -14.37
CA ASP C 129 -4.11 -20.57 -15.24
C ASP C 129 -2.84 -20.17 -14.50
N ILE C 130 -2.93 -19.78 -13.23
CA ILE C 130 -1.74 -19.40 -12.47
C ILE C 130 -1.04 -20.59 -11.82
N LEU C 131 -1.72 -21.72 -11.68
CA LEU C 131 -1.19 -22.87 -10.96
C LEU C 131 -0.13 -23.63 -11.75
N SER D 12 22.23 22.37 4.92
CA SER D 12 21.75 21.09 5.43
C SER D 12 20.72 20.46 4.50
N MET D 13 21.09 19.36 3.83
CA MET D 13 20.23 18.75 2.84
C MET D 13 19.99 17.27 3.12
N TYR D 14 18.73 16.84 2.98
CA TYR D 14 18.31 15.47 3.21
C TYR D 14 17.88 14.82 1.91
N ILE D 15 18.17 13.53 1.75
CA ILE D 15 17.75 12.79 0.56
C ILE D 15 17.16 11.46 0.99
N ALA D 16 16.00 11.11 0.43
CA ALA D 16 15.31 9.86 0.72
C ALA D 16 15.18 9.09 -0.58
N ILE D 17 15.68 7.86 -0.60
CA ILE D 17 15.76 7.05 -1.82
C ILE D 17 15.03 5.75 -1.57
N ASP D 18 14.24 5.31 -2.56
CA ASP D 18 13.43 4.12 -2.38
C ASP D 18 13.18 3.48 -3.72
N GLY D 19 13.09 2.14 -3.72
CA GLY D 19 12.80 1.42 -4.94
C GLY D 19 11.40 1.72 -5.47
N ASP D 20 11.24 1.56 -6.78
CA ASP D 20 9.97 1.83 -7.47
C ASP D 20 9.21 0.53 -7.66
N ASP D 21 8.05 0.42 -7.01
CA ASP D 21 7.13 -0.71 -7.26
C ASP D 21 7.81 -2.05 -7.02
N VAL D 22 8.80 -2.07 -6.12
CA VAL D 22 9.55 -3.30 -5.86
C VAL D 22 8.62 -4.37 -5.29
N GLY D 23 7.65 -3.96 -4.47
CA GLY D 23 6.67 -4.91 -3.95
C GLY D 23 5.92 -5.66 -5.04
N ARG D 24 5.73 -5.04 -6.20
CA ARG D 24 5.02 -5.71 -7.29
C ARG D 24 5.85 -6.85 -7.86
N LYS D 25 7.14 -6.62 -8.07
CA LYS D 25 8.02 -7.68 -8.57
C LYS D 25 8.09 -8.83 -7.58
N ILE D 26 8.12 -8.50 -6.28
CA ILE D 26 8.18 -9.51 -5.23
C ILE D 26 6.89 -10.33 -5.19
N THR D 27 5.75 -9.65 -5.21
CA THR D 27 4.47 -10.36 -5.22
C THR D 27 4.35 -11.27 -6.43
N SER D 28 4.78 -10.78 -7.60
CA SER D 28 4.74 -11.61 -8.80
C SER D 28 5.48 -12.93 -8.60
N SER D 29 6.67 -12.87 -7.97
CA SER D 29 7.49 -14.06 -7.77
C SER D 29 6.83 -15.04 -6.82
N TYR D 30 6.20 -14.54 -5.75
CA TYR D 30 5.46 -15.42 -4.85
C TYR D 30 4.35 -16.15 -5.60
N LEU D 31 3.54 -15.40 -6.35
CA LEU D 31 2.35 -15.99 -6.96
C LEU D 31 2.68 -16.97 -8.07
N SER D 32 3.86 -16.88 -8.66
CA SER D 32 4.28 -17.81 -9.71
C SER D 32 5.15 -18.93 -9.18
N ASN D 33 5.33 -19.02 -7.86
CA ASN D 33 6.21 -20.01 -7.24
C ASN D 33 7.61 -19.95 -7.86
N SER D 34 8.10 -18.73 -8.06
CA SER D 34 9.42 -18.50 -8.66
C SER D 34 10.42 -18.23 -7.55
N GLU D 35 10.89 -19.32 -6.95
CA GLU D 35 11.87 -19.26 -5.86
C GLU D 35 13.14 -18.56 -6.30
N GLU D 36 13.69 -18.96 -7.44
CA GLU D 36 14.94 -18.37 -7.91
C GLU D 36 14.79 -16.87 -8.19
N ARG D 37 13.66 -16.47 -8.79
CA ARG D 37 13.41 -15.06 -9.04
C ARG D 37 13.40 -14.27 -7.74
N LEU D 38 12.69 -14.79 -6.73
CA LEU D 38 12.57 -14.10 -5.45
C LEU D 38 13.95 -13.92 -4.81
N THR D 39 14.75 -14.99 -4.79
CA THR D 39 16.10 -14.90 -4.21
C THR D 39 16.97 -13.94 -4.99
N TYR D 40 16.82 -13.90 -6.31
CA TYR D 40 17.58 -12.94 -7.11
C TYR D 40 17.22 -11.51 -6.73
N ILE D 41 15.92 -11.22 -6.56
CA ILE D 41 15.50 -9.89 -6.17
C ILE D 41 16.05 -9.54 -4.79
N SER D 42 15.98 -10.49 -3.86
CA SER D 42 16.53 -10.25 -2.53
C SER D 42 18.00 -9.83 -2.60
N ASN D 43 18.78 -10.56 -3.38
CA ASN D 43 20.22 -10.27 -3.47
C ASN D 43 20.47 -8.96 -4.19
N LYS D 44 19.85 -8.79 -5.36
CA LYS D 44 20.07 -7.56 -6.13
C LYS D 44 19.62 -6.33 -5.36
N LEU D 45 18.55 -6.45 -4.56
CA LEU D 45 18.07 -5.31 -3.78
C LEU D 45 19.09 -4.93 -2.70
N ASN D 46 19.55 -5.92 -1.92
CA ASN D 46 20.50 -5.63 -0.86
C ASN D 46 21.83 -5.14 -1.42
N ASP D 47 22.25 -5.71 -2.55
CA ASP D 47 23.50 -5.27 -3.17
C ASP D 47 23.36 -3.85 -3.71
N THR D 48 22.23 -3.53 -4.35
CA THR D 48 22.10 -2.19 -4.92
C THR D 48 21.95 -1.14 -3.83
N THR D 49 21.24 -1.45 -2.74
CA THR D 49 21.12 -0.45 -1.68
C THR D 49 22.44 -0.23 -0.97
N LYS D 50 23.27 -1.27 -0.84
CA LYS D 50 24.62 -1.06 -0.32
C LYS D 50 25.43 -0.18 -1.26
N LYS D 51 25.28 -0.37 -2.58
CA LYS D 51 25.98 0.47 -3.54
C LYS D 51 25.57 1.93 -3.39
N ILE D 52 24.26 2.18 -3.26
CA ILE D 52 23.79 3.54 -3.06
C ILE D 52 24.36 4.11 -1.77
N SER D 53 24.36 3.31 -0.70
CA SER D 53 24.84 3.78 0.60
C SER D 53 26.32 4.13 0.56
N LYS D 54 27.14 3.25 -0.01
CA LYS D 54 28.57 3.54 -0.15
C LYS D 54 28.80 4.76 -1.04
N MET D 55 27.96 4.95 -2.07
CA MET D 55 28.11 6.09 -2.96
C MET D 55 27.80 7.41 -2.24
N LEU D 56 26.73 7.44 -1.44
CA LEU D 56 26.43 8.64 -0.69
C LEU D 56 27.51 8.96 0.33
N LEU D 57 28.06 7.93 0.99
CA LEU D 57 29.20 8.15 1.88
C LEU D 57 30.37 8.78 1.14
N SER D 58 30.65 8.32 -0.08
CA SER D 58 31.77 8.86 -0.87
C SER D 58 31.52 10.29 -1.32
N ASN D 59 30.27 10.76 -1.29
CA ASN D 59 29.92 12.13 -1.61
C ASN D 59 29.57 12.94 -0.37
N GLY D 60 30.00 12.47 0.80
CA GLY D 60 29.98 13.27 2.01
C GLY D 60 28.70 13.21 2.83
N PHE D 61 27.81 12.26 2.56
CA PHE D 61 26.58 12.14 3.31
C PHE D 61 26.79 11.30 4.57
N GLU D 62 25.90 11.50 5.52
CA GLU D 62 25.76 10.65 6.69
C GLU D 62 24.46 9.87 6.55
N ILE D 63 24.52 8.54 6.68
CA ILE D 63 23.34 7.70 6.49
C ILE D 63 22.44 7.79 7.71
N ILE D 64 21.17 8.10 7.50
CA ILE D 64 20.17 8.14 8.57
C ILE D 64 19.39 6.84 8.69
N PHE D 65 19.12 6.19 7.55
CA PHE D 65 18.23 5.05 7.46
C PHE D 65 18.68 4.19 6.30
N GLN D 66 18.78 2.87 6.51
CA GLN D 66 19.13 1.95 5.43
C GLN D 66 18.46 0.62 5.72
N ALA D 67 17.41 0.30 4.98
CA ALA D 67 16.63 -0.88 5.28
C ALA D 67 15.74 -1.20 4.09
N ALA D 68 15.67 -2.48 3.73
CA ALA D 68 14.84 -2.99 2.64
C ALA D 68 15.29 -2.31 1.35
N ASP D 69 14.41 -1.61 0.63
CA ASP D 69 14.74 -0.99 -0.64
C ASP D 69 14.96 0.52 -0.53
N GLY D 70 15.35 1.00 0.65
CA GLY D 70 15.44 2.43 0.87
C GLY D 70 16.71 2.84 1.61
N VAL D 71 17.19 4.04 1.29
CA VAL D 71 18.31 4.68 1.98
C VAL D 71 18.00 6.15 2.12
N THR D 72 18.14 6.69 3.34
CA THR D 72 17.96 8.12 3.60
C THR D 72 19.21 8.67 4.25
N ALA D 73 19.67 9.83 3.79
CA ALA D 73 20.95 10.40 4.21
C ALA D 73 20.84 11.91 4.26
N LYS D 74 21.77 12.55 4.99
CA LYS D 74 21.84 14.00 5.03
C LYS D 74 23.28 14.44 4.88
N THR D 75 23.45 15.72 4.54
CA THR D 75 24.79 16.26 4.43
C THR D 75 24.76 17.76 4.73
N ASP D 76 25.81 18.23 5.40
CA ASP D 76 26.06 19.66 5.55
C ASP D 76 27.16 20.15 4.61
N ASN D 77 27.76 19.24 3.84
CA ASN D 77 28.82 19.57 2.92
C ASN D 77 28.24 19.89 1.54
N GLU D 78 29.11 20.24 0.61
CA GLU D 78 28.68 20.59 -0.74
C GLU D 78 28.43 19.34 -1.56
N VAL D 79 27.43 19.40 -2.46
CA VAL D 79 26.99 18.24 -3.22
C VAL D 79 26.69 18.67 -4.66
N ASN D 80 26.94 17.75 -5.59
CA ASN D 80 26.45 17.85 -6.96
C ASN D 80 25.33 16.83 -7.11
N LEU D 81 24.08 17.32 -7.14
CA LEU D 81 22.95 16.40 -7.14
C LEU D 81 22.84 15.63 -8.45
N ASN D 82 23.11 16.30 -9.57
CA ASN D 82 23.06 15.62 -10.86
C ASN D 82 24.01 14.42 -10.89
N PHE D 83 25.20 14.58 -10.31
CA PHE D 83 26.13 13.46 -10.26
C PHE D 83 25.61 12.36 -9.35
N VAL D 84 24.99 12.73 -8.22
CA VAL D 84 24.53 11.76 -7.25
C VAL D 84 23.37 10.94 -7.81
N PHE D 85 22.39 11.59 -8.44
CA PHE D 85 21.25 10.84 -8.92
C PHE D 85 21.53 10.12 -10.23
N ASP D 86 22.41 10.68 -11.08
CA ASP D 86 22.86 9.91 -12.24
C ASP D 86 23.53 8.62 -11.81
N LYS D 87 24.22 8.63 -10.67
CA LYS D 87 24.79 7.40 -10.12
C LYS D 87 23.69 6.45 -9.66
N ILE D 88 22.66 6.99 -9.01
CA ILE D 88 21.54 6.17 -8.57
C ILE D 88 20.86 5.51 -9.77
N LYS D 89 20.63 6.28 -10.84
CA LYS D 89 20.01 5.70 -12.03
C LYS D 89 20.86 4.60 -12.64
N SER D 90 22.20 4.73 -12.56
CA SER D 90 23.09 3.69 -13.06
C SER D 90 23.08 2.43 -12.21
N TYR D 91 22.39 2.44 -11.06
CA TYR D 91 22.28 1.27 -10.21
C TYR D 91 20.99 0.49 -10.46
N SER D 92 20.17 0.93 -11.41
CA SER D 92 18.97 0.19 -11.79
C SER D 92 19.34 -1.19 -12.34
N PHE D 93 18.48 -2.16 -12.05
CA PHE D 93 18.68 -3.53 -12.51
C PHE D 93 17.35 -4.11 -12.94
N ASP D 94 17.37 -4.88 -14.02
CA ASP D 94 16.17 -5.44 -14.65
C ASP D 94 15.16 -4.30 -14.77
N GLU D 95 13.92 -4.48 -14.33
CA GLU D 95 12.91 -3.43 -14.35
C GLU D 95 12.81 -2.69 -13.02
N ILE D 96 13.76 -2.91 -12.11
CA ILE D 96 13.73 -2.30 -10.79
C ILE D 96 14.60 -1.06 -10.81
N THR D 97 14.01 0.07 -10.42
CA THR D 97 14.67 1.37 -10.37
C THR D 97 14.42 1.99 -9.01
N PHE D 98 15.02 3.16 -8.80
CA PHE D 98 14.94 3.91 -7.55
C PHE D 98 14.54 5.34 -7.85
N SER D 99 13.71 5.92 -6.98
CA SER D 99 13.39 7.34 -7.03
C SER D 99 13.92 8.03 -5.78
N ALA D 100 13.94 9.37 -5.81
CA ALA D 100 14.49 10.13 -4.69
C ALA D 100 13.72 11.41 -4.44
N GLY D 101 13.68 11.81 -3.18
CA GLY D 101 13.24 13.14 -2.80
C GLY D 101 14.33 13.83 -2.00
N VAL D 102 14.47 15.14 -2.21
CA VAL D 102 15.45 15.97 -1.52
C VAL D 102 14.71 17.12 -0.84
N GLY D 103 15.09 17.43 0.39
CA GLY D 103 14.54 18.56 1.11
C GLY D 103 15.53 19.15 2.08
N ALA D 104 15.07 20.17 2.81
CA ALA D 104 15.86 20.79 3.88
C ALA D 104 15.64 20.13 5.23
N ASN D 105 14.72 19.18 5.34
CA ASN D 105 14.54 18.37 6.53
C ASN D 105 13.94 17.04 6.09
N LEU D 106 13.70 16.16 7.07
CA LEU D 106 13.19 14.82 6.76
C LEU D 106 11.80 14.87 6.15
N ARG D 107 10.95 15.78 6.63
CA ARG D 107 9.59 15.83 6.10
C ARG D 107 9.60 16.25 4.64
N GLU D 108 10.41 17.25 4.30
CA GLU D 108 10.48 17.70 2.92
C GLU D 108 11.05 16.63 2.01
N ALA D 109 12.09 15.93 2.46
CA ALA D 109 12.64 14.86 1.64
C ALA D 109 11.61 13.76 1.41
N TYR D 110 10.80 13.46 2.43
CA TYR D 110 9.79 12.41 2.30
C TYR D 110 8.67 12.82 1.36
N VAL D 111 8.18 14.07 1.49
CA VAL D 111 7.11 14.55 0.61
C VAL D 111 7.61 14.62 -0.83
N ALA D 112 8.85 15.03 -1.03
CA ALA D 112 9.42 15.02 -2.37
C ALA D 112 9.57 13.60 -2.89
N LEU D 113 9.90 12.64 -2.02
CA LEU D 113 9.93 11.25 -2.47
C LEU D 113 8.56 10.79 -2.89
N LEU D 114 7.53 11.11 -2.09
CA LEU D 114 6.16 10.78 -2.48
C LEU D 114 5.79 11.44 -3.80
N ASN D 115 6.29 12.65 -4.04
CA ASN D 115 6.03 13.33 -5.32
C ASN D 115 6.63 12.57 -6.48
N SER D 116 7.86 12.07 -6.31
CA SER D 116 8.50 11.28 -7.37
C SER D 116 7.71 10.00 -7.63
N LYS D 117 7.37 9.27 -6.57
CA LYS D 117 6.74 7.97 -6.72
C LYS D 117 5.37 8.08 -7.39
N SER D 118 4.66 9.18 -7.12
CA SER D 118 3.31 9.33 -7.64
C SER D 118 3.28 9.83 -9.08
N ASN D 119 4.38 10.34 -9.61
CA ASN D 119 4.39 10.91 -10.96
C ASN D 119 5.17 10.08 -11.96
N GLY D 120 5.86 9.04 -11.52
CA GLY D 120 6.62 8.21 -12.46
C GLY D 120 7.57 7.29 -11.70
N LYS D 121 8.66 6.92 -12.37
CA LYS D 121 9.66 6.06 -11.78
C LYS D 121 11.04 6.54 -12.16
N ASN D 122 12.01 6.21 -11.31
CA ASN D 122 13.42 6.54 -11.56
C ASN D 122 13.61 8.05 -11.69
N MET D 123 12.94 8.81 -10.82
CA MET D 123 13.00 10.26 -10.89
C MET D 123 13.31 10.84 -9.52
N ILE D 124 13.76 12.09 -9.52
CA ILE D 124 14.11 12.80 -8.32
C ILE D 124 13.27 14.05 -8.25
N SER D 125 12.82 14.41 -7.06
CA SER D 125 12.11 15.65 -6.83
C SER D 125 12.81 16.42 -5.72
N ILE D 126 12.98 17.71 -5.93
CA ILE D 126 13.44 18.62 -4.89
C ILE D 126 12.22 19.33 -4.34
N TYR D 127 12.09 19.36 -3.00
CA TYR D 127 10.86 19.84 -2.38
C TYR D 127 10.54 21.29 -2.77
N LYS D 128 11.56 22.16 -2.79
CA LYS D 128 11.31 23.56 -3.11
C LYS D 128 10.84 23.75 -4.55
N ASP D 129 11.10 22.78 -5.42
CA ASP D 129 10.64 22.85 -6.82
C ASP D 129 9.17 22.48 -6.97
N ILE D 130 8.55 21.90 -5.93
CA ILE D 130 7.15 21.48 -6.02
C ILE D 130 6.24 22.55 -5.45
#